data_6T3M
#
_entry.id   6T3M
#
_cell.length_a   70.301
_cell.length_b   71.476
_cell.length_c   72.573
_cell.angle_alpha   90.000
_cell.angle_beta   100.619
_cell.angle_gamma   90.000
#
_symmetry.space_group_name_H-M   'C 1 2 1'
#
loop_
_entity.id
_entity.type
_entity.pdbx_description
1 polymer Prothrombin
2 polymer Prothrombin
3 polymer 'Hirudin variant-2'
4 non-polymer 2-acetamido-2-deoxy-beta-D-glucopyranose
5 non-polymer (2~{S})-1-[(2~{R})-2-azanyl-3-phenyl-propanoyl]-~{N}-[(4-hydroxyphenyl)methyl]pyrrolidine-2-carboxamide
6 non-polymer 'PHOSPHATE ION'
7 non-polymer 'SODIUM ION'
8 water water
#
loop_
_entity_poly.entity_id
_entity_poly.type
_entity_poly.pdbx_seq_one_letter_code
_entity_poly.pdbx_strand_id
1 'polypeptide(L)' TFGSGEADCGLRPLFEKKSLEDKTERELLESYIDGR L
2 'polypeptide(L)'
;IVEGSDAEIGMSPWQVMLFRKSPQELLCGASLISDRWVLTAAHCLLYPPWDKNFTENDLLVRIGKHSRTRYERNIEKISM
LEKIYIHPRYNWRENLDRDIALMKLKKPVAFSDYIHPVCLPDRETAASLLQAGYKGRVTGWGNLKETWTANVGKGQPSVL
QVVNLPIVERPVCKDSTRIRITDNMFCAGYKPDEGKRGDACEGDSGGPFVMKSPFNNRWYQMGIVSWGEGCDRDGKYGFY
THVFRLKKWIQKVIDQFGE
;
H
3 'polypeptide(L)' DFEEIPEE(TYS)LQ I
#
loop_
_chem_comp.id
_chem_comp.type
_chem_comp.name
_chem_comp.formula
MD8 non-polymer (2~{S})-1-[(2~{R})-2-azanyl-3-phenyl-propanoyl]-~{N}-[(4-hydroxyphenyl)methyl]pyrrolidine-2-carboxamide 'C21 H25 N3 O3'
NA non-polymer 'SODIUM ION' 'Na 1'
NAG D-saccharide, beta linking 2-acetamido-2-deoxy-beta-D-glucopyranose 'C8 H15 N O6'
PO4 non-polymer 'PHOSPHATE ION' 'O4 P -3'
#
# COMPACT_ATOMS: atom_id res chain seq x y z
N SER A 4 8.80 18.74 3.96
N SER A 4 6.14 18.51 4.25
CA SER A 4 7.43 18.22 3.70
CA SER A 4 7.52 18.19 3.79
C SER A 4 7.50 16.89 2.96
C SER A 4 7.53 16.88 3.00
N GLY A 5 8.47 16.79 2.06
CA GLY A 5 8.58 15.65 1.16
C GLY A 5 8.04 15.91 -0.23
N GLU A 6 7.51 17.10 -0.50
CA GLU A 6 6.85 17.32 -1.78
C GLU A 6 7.86 17.29 -2.92
N ALA A 7 8.94 18.06 -2.81
CA ALA A 7 9.83 18.24 -3.96
C ALA A 7 10.38 16.89 -4.42
N ASP A 8 10.73 16.03 -3.48
CA ASP A 8 11.46 14.80 -3.80
C ASP A 8 10.60 13.56 -3.65
N CYS A 9 9.27 13.69 -3.63
CA CYS A 9 8.43 12.52 -3.46
C CYS A 9 8.74 11.51 -4.55
N GLY A 10 8.66 10.23 -4.20
CA GLY A 10 8.77 9.18 -5.19
C GLY A 10 10.17 8.91 -5.71
N LEU A 11 11.20 9.56 -5.16
CA LEU A 11 12.60 9.36 -5.55
C LEU A 11 13.28 8.69 -4.37
N ARG A 12 13.64 7.43 -4.52
CA ARG A 12 14.14 6.66 -3.38
C ARG A 12 15.60 7.00 -3.09
N PRO A 13 15.96 7.25 -1.83
CA PRO A 13 17.38 7.55 -1.51
C PRO A 13 18.36 6.51 -2.01
N LEU A 14 18.03 5.23 -1.93
CA LEU A 14 18.98 4.19 -2.29
C LEU A 14 18.88 3.74 -3.73
N PHE A 15 18.00 4.37 -4.53
CA PHE A 15 17.83 4.01 -5.92
C PHE A 15 17.88 5.26 -6.80
N GLU A 16 16.74 5.91 -7.06
CA GLU A 16 16.74 7.07 -7.96
C GLU A 16 17.74 8.13 -7.53
N LYS A 17 17.83 8.42 -6.22
CA LYS A 17 18.72 9.51 -5.80
C LYS A 17 20.17 9.25 -6.14
N LYS A 18 20.57 7.96 -6.24
N LYS A 18 20.58 7.99 -6.24
CA LYS A 18 21.93 7.54 -6.54
CA LYS A 18 21.96 7.67 -6.58
C LYS A 18 22.09 7.03 -7.97
C LYS A 18 22.07 6.95 -7.93
N SER A 19 21.04 7.08 -8.78
CA SER A 19 21.03 6.48 -10.10
C SER A 19 21.36 4.99 -10.07
N LEU A 20 20.72 4.27 -9.13
CA LEU A 20 20.77 2.81 -9.10
C LEU A 20 19.37 2.29 -9.33
N GLU A 21 19.27 1.20 -10.06
CA GLU A 21 17.98 0.57 -10.35
C GLU A 21 17.80 -0.67 -9.50
N ASP A 22 16.55 -0.93 -9.11
CA ASP A 22 16.24 -2.16 -8.42
C ASP A 22 16.12 -3.31 -9.44
N LYS A 23 16.03 -4.53 -8.92
CA LYS A 23 16.18 -5.71 -9.76
C LYS A 23 15.00 -5.96 -10.69
N THR A 24 13.83 -5.36 -10.45
CA THR A 24 12.67 -5.64 -11.29
C THR A 24 11.94 -4.41 -11.83
N GLU A 25 12.43 -3.20 -11.58
CA GLU A 25 11.72 -2.04 -12.10
C GLU A 25 11.68 -2.04 -13.62
N ARG A 26 12.68 -2.64 -14.26
CA ARG A 26 12.64 -2.72 -15.73
C ARG A 26 11.40 -3.46 -16.24
N GLU A 27 10.93 -4.48 -15.50
CA GLU A 27 9.71 -5.17 -15.88
C GLU A 27 8.52 -4.21 -15.99
N LEU A 28 8.46 -3.25 -15.07
CA LEU A 28 7.40 -2.25 -15.13
C LEU A 28 7.56 -1.39 -16.38
N LEU A 29 8.78 -0.89 -16.60
CA LEU A 29 9.01 -0.01 -17.74
C LEU A 29 8.64 -0.70 -19.05
N GLU A 30 9.03 -1.97 -19.20
CA GLU A 30 8.75 -2.71 -20.43
C GLU A 30 7.26 -2.85 -20.69
N SER A 31 6.43 -2.80 -19.65
CA SER A 31 4.99 -2.89 -19.82
C SER A 31 4.35 -1.57 -20.19
N TYR A 32 5.08 -0.46 -20.11
CA TYR A 32 4.48 0.85 -20.39
C TYR A 32 4.68 1.14 -21.86
N ILE A 33 3.78 0.60 -22.68
CA ILE A 33 3.99 0.58 -24.12
C ILE A 33 3.26 1.74 -24.76
N ILE B 1 1.82 -11.40 0.63
CA ILE B 1 2.05 -11.42 -0.81
C ILE B 1 2.32 -12.86 -1.22
N VAL B 2 1.57 -13.37 -2.20
CA VAL B 2 1.74 -14.74 -2.70
C VAL B 2 2.57 -14.68 -3.98
N GLU B 3 3.58 -15.53 -4.05
CA GLU B 3 4.39 -15.69 -5.26
C GLU B 3 5.19 -14.44 -5.59
N GLY B 4 5.55 -13.67 -4.57
CA GLY B 4 6.47 -12.56 -4.68
C GLY B 4 7.87 -12.93 -4.28
N SER B 5 8.67 -11.92 -3.96
CA SER B 5 10.06 -12.12 -3.55
C SER B 5 10.40 -11.13 -2.45
N ASP B 6 11.52 -11.37 -1.80
CA ASP B 6 12.01 -10.44 -0.78
C ASP B 6 12.33 -9.10 -1.40
N ALA B 7 11.86 -8.04 -0.75
CA ALA B 7 12.24 -6.70 -1.16
C ALA B 7 13.73 -6.47 -0.98
N GLU B 8 14.29 -5.59 -1.81
CA GLU B 8 15.62 -5.05 -1.56
C GLU B 8 15.56 -4.00 -0.46
N ILE B 9 16.70 -3.79 0.20
CA ILE B 9 16.78 -2.74 1.21
C ILE B 9 16.49 -1.38 0.58
N GLY B 10 15.57 -0.64 1.19
CA GLY B 10 15.20 0.68 0.69
C GLY B 10 14.38 0.68 -0.58
N MET B 11 13.84 -0.46 -0.99
CA MET B 11 13.12 -0.56 -2.25
C MET B 11 11.77 0.13 -2.18
N SER B 12 11.16 0.18 -1.00
CA SER B 12 9.81 0.71 -0.81
CA SER B 12 9.81 0.72 -0.81
C SER B 12 9.81 1.57 0.45
N PRO B 13 10.50 2.73 0.41
CA PRO B 13 10.74 3.49 1.66
C PRO B 13 9.51 4.21 2.17
N TRP B 14 8.43 4.18 1.39
CA TRP B 14 7.13 4.69 1.80
C TRP B 14 6.29 3.61 2.48
N GLN B 15 6.76 2.38 2.56
CA GLN B 15 5.99 1.31 3.16
C GLN B 15 5.81 1.57 4.65
N VAL B 16 4.59 1.41 5.14
CA VAL B 16 4.28 1.58 6.55
C VAL B 16 3.62 0.31 7.05
N MET B 17 3.94 -0.08 8.28
CA MET B 17 3.26 -1.16 8.97
C MET B 17 2.34 -0.55 10.02
N LEU B 18 1.05 -0.89 9.94
N LEU B 18 1.05 -0.89 9.93
CA LEU B 18 0.11 -0.56 10.99
CA LEU B 18 0.09 -0.56 10.99
C LEU B 18 0.18 -1.67 12.02
C LEU B 18 0.16 -1.68 12.01
N PHE B 19 0.44 -1.31 13.27
CA PHE B 19 0.77 -2.26 14.31
C PHE B 19 -0.18 -2.06 15.48
N ARG B 20 -0.80 -3.15 15.91
CA ARG B 20 -1.69 -3.11 17.07
C ARG B 20 -0.86 -3.10 18.34
N LYS B 21 -1.26 -2.24 19.30
CA LYS B 21 -0.50 -2.09 20.54
C LYS B 21 -0.68 -3.29 21.47
N SER B 22 -1.92 -3.74 21.64
CA SER B 22 -2.20 -4.84 22.56
C SER B 22 -3.39 -5.63 22.02
N PRO B 23 -3.20 -6.90 21.61
CA PRO B 23 -1.93 -7.64 21.52
C PRO B 23 -1.06 -7.08 20.40
N GLN B 24 0.26 -7.19 20.56
CA GLN B 24 1.22 -6.70 19.56
C GLN B 24 1.12 -7.59 18.32
N GLU B 25 0.65 -7.03 17.20
CA GLU B 25 0.52 -7.82 15.99
C GLU B 25 0.41 -6.89 14.80
N LEU B 26 0.71 -7.44 13.62
CA LEU B 26 0.51 -6.72 12.37
C LEU B 26 -0.98 -6.52 12.15
N LEU B 27 -1.39 -5.29 11.86
CA LEU B 27 -2.77 -5.02 11.48
C LEU B 27 -2.97 -4.84 9.99
N CYS B 28 -2.03 -4.23 9.28
CA CYS B 28 -2.24 -3.85 7.90
C CYS B 28 -0.97 -3.18 7.41
N GLY B 29 -0.89 -3.02 6.09
CA GLY B 29 0.03 -2.09 5.48
C GLY B 29 -0.58 -0.71 5.32
N ALA B 30 0.24 0.20 4.83
CA ALA B 30 -0.07 1.61 4.67
C ALA B 30 1.10 2.23 3.91
N SER B 31 0.99 3.53 3.60
CA SER B 31 2.05 4.22 2.89
C SER B 31 2.24 5.64 3.43
N LEU B 32 3.47 6.12 3.33
CA LEU B 32 3.85 7.45 3.77
C LEU B 32 3.73 8.42 2.59
N ILE B 33 2.89 9.45 2.73
CA ILE B 33 2.67 10.41 1.66
C ILE B 33 3.20 11.80 1.96
N SER B 34 3.63 12.07 3.18
CA SER B 34 4.31 13.31 3.55
C SER B 34 4.99 13.04 4.88
N ASP B 35 5.56 14.08 5.49
CA ASP B 35 6.18 13.86 6.80
C ASP B 35 5.19 13.64 7.92
N ARG B 36 3.88 13.85 7.69
CA ARG B 36 2.94 13.65 8.78
C ARG B 36 1.66 12.92 8.39
N TRP B 37 1.53 12.44 7.16
CA TRP B 37 0.32 11.78 6.71
C TRP B 37 0.62 10.39 6.17
N VAL B 38 -0.22 9.43 6.58
CA VAL B 38 -0.14 8.04 6.16
C VAL B 38 -1.47 7.65 5.53
N LEU B 39 -1.40 6.95 4.41
CA LEU B 39 -2.56 6.48 3.65
C LEU B 39 -2.74 4.98 3.84
N THR B 40 -3.99 4.54 4.02
CA THR B 40 -4.28 3.12 4.18
C THR B 40 -5.69 2.86 3.65
N ALA B 41 -6.13 1.61 3.80
CA ALA B 41 -7.50 1.19 3.48
C ALA B 41 -8.40 1.44 4.69
N ALA B 42 -9.62 1.90 4.42
CA ALA B 42 -10.60 2.07 5.49
C ALA B 42 -10.88 0.77 6.23
N HIS B 43 -10.91 -0.37 5.51
CA HIS B 43 -11.25 -1.62 6.17
C HIS B 43 -10.18 -2.07 7.16
N CYS B 44 -8.99 -1.45 7.11
CA CYS B 44 -7.96 -1.71 8.10
C CYS B 44 -8.35 -1.18 9.46
N LEU B 45 -9.20 -0.16 9.49
CA LEU B 45 -9.59 0.53 10.70
C LEU B 45 -11.03 0.29 11.10
N LEU B 46 -11.92 0.10 10.13
CA LEU B 46 -13.35 0.01 10.38
C LEU B 46 -13.93 -1.07 9.49
N TYR B 47 -14.41 -2.14 10.11
CA TYR B 47 -15.10 -3.21 9.38
C TYR B 47 -16.07 -3.90 10.34
N PRO B 48 -17.28 -3.36 10.48
CA PRO B 48 -18.22 -3.84 11.51
C PRO B 48 -18.58 -5.31 11.38
N PRO B 49 -18.63 -5.89 10.17
CA PRO B 49 -18.96 -7.34 10.10
C PRO B 49 -18.02 -8.20 10.91
N TRP B 50 -16.78 -7.76 11.10
CA TRP B 50 -15.77 -8.47 11.88
C TRP B 50 -15.51 -7.79 13.22
N ASP B 51 -16.40 -6.90 13.66
CA ASP B 51 -16.26 -6.21 14.93
C ASP B 51 -14.97 -5.40 15.00
N LYS B 52 -14.56 -4.83 13.88
CA LYS B 52 -13.34 -4.04 13.83
C LYS B 52 -13.67 -2.55 13.82
N ASN B 53 -13.16 -1.81 14.81
CA ASN B 53 -13.33 -0.38 14.88
C ASN B 53 -12.24 0.17 15.72
N PHE B 54 -11.10 0.47 15.11
CA PHE B 54 -9.94 0.94 15.87
C PHE B 54 -10.01 2.44 16.08
N THR B 55 -9.53 2.88 17.24
CA THR B 55 -9.33 4.29 17.52
C THR B 55 -7.83 4.60 17.50
N GLU B 56 -7.51 5.90 17.55
CA GLU B 56 -6.12 6.32 17.40
C GLU B 56 -5.21 5.65 18.41
N ASN B 57 -5.65 5.50 19.65
CA ASN B 57 -4.74 5.01 20.68
C ASN B 57 -4.55 3.50 20.65
N ASP B 58 -5.26 2.79 19.77
CA ASP B 58 -5.09 1.35 19.67
C ASP B 58 -3.88 0.96 18.84
N LEU B 59 -3.29 1.89 18.09
CA LEU B 59 -2.44 1.56 16.96
C LEU B 59 -1.17 2.38 16.99
N LEU B 60 -0.15 1.83 16.35
CA LEU B 60 1.07 2.56 16.04
C LEU B 60 1.37 2.37 14.57
N VAL B 61 2.16 3.29 14.02
CA VAL B 61 2.70 3.12 12.69
C VAL B 61 4.22 2.95 12.79
N ARG B 62 4.73 1.97 12.05
CA ARG B 62 6.14 1.64 12.02
C ARG B 62 6.63 1.87 10.60
N ILE B 63 7.60 2.76 10.45
CA ILE B 63 8.06 3.24 9.16
C ILE B 63 9.53 2.89 9.02
N GLY B 64 9.95 2.58 7.80
CA GLY B 64 11.32 2.22 7.53
C GLY B 64 11.64 0.75 7.73
N LYS B 65 10.63 -0.10 7.83
CA LYS B 65 10.85 -1.49 8.16
C LYS B 65 11.18 -2.36 6.95
N HIS B 66 11.84 -3.47 7.26
CA HIS B 66 12.14 -4.50 6.29
C HIS B 66 11.74 -5.85 6.89
N SER B 67 12.37 -6.23 8.00
CA SER B 67 11.93 -7.41 8.74
C SER B 67 10.49 -7.25 9.23
N ARG B 68 9.70 -8.33 9.13
CA ARG B 68 8.34 -8.29 9.63
C ARG B 68 8.32 -8.16 11.15
N THR B 69 9.03 -9.05 11.85
CA THR B 69 8.80 -9.21 13.29
C THR B 69 9.85 -8.54 14.16
N ARG B 70 11.03 -8.22 13.61
N ARG B 70 11.02 -8.21 13.63
CA ARG B 70 12.11 -7.64 14.41
CA ARG B 70 12.08 -7.70 14.49
C ARG B 70 11.84 -6.18 14.73
C ARG B 70 11.95 -6.19 14.67
N TYR B 71 12.36 -5.73 15.86
CA TYR B 71 12.47 -4.31 16.14
C TYR B 71 13.78 -3.84 15.51
N GLU B 72 13.68 -3.05 14.45
CA GLU B 72 14.83 -2.71 13.62
C GLU B 72 15.46 -1.44 14.15
N ARG B 73 16.16 -1.62 15.25
CA ARG B 73 16.81 -0.56 15.97
C ARG B 73 17.68 0.29 15.05
N ASN B 74 17.57 1.61 15.18
CA ASN B 74 18.34 2.62 14.45
C ASN B 74 17.91 2.75 12.99
N ILE B 75 16.85 2.06 12.58
CA ILE B 75 16.39 2.08 11.20
C ILE B 75 14.91 2.46 11.17
N GLU B 76 14.08 1.63 11.79
CA GLU B 76 12.66 1.95 11.76
C GLU B 76 12.36 3.07 12.74
N LYS B 77 11.27 3.75 12.49
CA LYS B 77 10.76 4.79 13.39
C LYS B 77 9.29 4.52 13.65
N ILE B 78 8.89 4.69 14.90
CA ILE B 78 7.55 4.36 15.37
C ILE B 78 6.85 5.65 15.75
N SER B 79 5.66 5.86 15.18
CA SER B 79 4.89 7.08 15.36
C SER B 79 3.53 6.76 15.95
N MET B 80 3.04 7.68 16.78
CA MET B 80 1.68 7.63 17.29
C MET B 80 0.75 8.43 16.37
N LEU B 81 -0.54 8.08 16.43
CA LEU B 81 -1.54 8.71 15.60
C LEU B 81 -2.19 9.88 16.32
N GLU B 82 -2.26 11.02 15.65
CA GLU B 82 -3.08 12.12 16.14
C GLU B 82 -4.55 11.91 15.82
N LYS B 83 -4.86 11.50 14.59
CA LYS B 83 -6.25 11.39 14.18
C LYS B 83 -6.38 10.49 12.96
N ILE B 84 -7.45 9.71 12.94
CA ILE B 84 -7.89 8.89 11.81
C ILE B 84 -9.02 9.59 11.10
N TYR B 85 -9.01 9.53 9.76
CA TYR B 85 -10.08 10.04 8.92
C TYR B 85 -10.46 8.95 7.92
N ILE B 86 -11.70 8.53 7.95
CA ILE B 86 -12.23 7.51 7.05
C ILE B 86 -13.15 8.20 6.05
N HIS B 87 -13.09 7.76 4.80
CA HIS B 87 -13.96 8.36 3.79
C HIS B 87 -15.42 8.27 4.26
N PRO B 88 -16.19 9.36 4.18
CA PRO B 88 -17.57 9.32 4.73
C PRO B 88 -18.51 8.46 3.94
N ARG B 89 -18.15 8.09 2.71
CA ARG B 89 -18.97 7.20 1.90
C ARG B 89 -18.31 5.84 1.69
N TYR B 90 -17.34 5.48 2.52
CA TYR B 90 -16.80 4.13 2.55
C TYR B 90 -17.93 3.13 2.77
N ASN B 91 -18.04 2.18 1.86
CA ASN B 91 -19.15 1.23 1.85
C ASN B 91 -18.67 -0.11 2.41
N TRP B 92 -18.64 -0.20 3.74
CA TRP B 92 -18.32 -1.47 4.39
C TRP B 92 -19.48 -2.45 4.35
N ARG B 93 -20.68 -1.98 4.03
N ARG B 93 -20.69 -1.97 4.05
CA ARG B 93 -21.85 -2.85 4.07
CA ARG B 93 -21.85 -2.86 4.06
C ARG B 93 -21.94 -3.78 2.87
C ARG B 93 -21.80 -3.84 2.90
N GLU B 94 -21.41 -3.36 1.72
CA GLU B 94 -21.58 -4.11 0.48
C GLU B 94 -20.26 -4.55 -0.13
N ASN B 95 -19.47 -3.62 -0.68
CA ASN B 95 -18.41 -3.99 -1.61
C ASN B 95 -17.11 -3.24 -1.37
N LEU B 96 -16.93 -2.59 -0.23
CA LEU B 96 -15.71 -1.85 0.05
C LEU B 96 -15.49 -0.69 -0.92
N ASP B 97 -16.55 -0.14 -1.51
CA ASP B 97 -16.42 1.07 -2.31
C ASP B 97 -15.81 2.20 -1.47
N ARG B 98 -14.86 2.91 -2.06
CA ARG B 98 -14.19 4.04 -1.43
C ARG B 98 -13.43 3.61 -0.18
N ASP B 99 -12.62 2.55 -0.34
CA ASP B 99 -11.89 1.91 0.76
C ASP B 99 -10.60 2.66 1.01
N ILE B 100 -10.71 3.78 1.73
CA ILE B 100 -9.58 4.70 1.90
C ILE B 100 -9.69 5.39 3.23
N ALA B 101 -8.53 5.58 3.87
CA ALA B 101 -8.44 6.30 5.14
C ALA B 101 -7.08 6.99 5.20
N LEU B 102 -7.06 8.09 5.94
CA LEU B 102 -5.84 8.85 6.20
C LEU B 102 -5.58 8.86 7.70
N MET B 103 -4.31 8.86 8.07
CA MET B 103 -3.88 8.94 9.46
C MET B 103 -2.87 10.06 9.58
N LYS B 104 -3.13 11.01 10.47
CA LYS B 104 -2.20 12.09 10.75
C LYS B 104 -1.35 11.69 11.94
N LEU B 105 -0.03 11.83 11.80
CA LEU B 105 0.89 11.48 12.88
C LEU B 105 0.96 12.59 13.91
N LYS B 106 1.26 12.20 15.16
CA LYS B 106 1.37 13.18 16.23
C LYS B 106 2.54 14.13 16.02
N LYS B 107 3.62 13.65 15.40
CA LYS B 107 4.80 14.44 15.12
C LYS B 107 5.32 14.08 13.74
N PRO B 108 5.99 15.00 13.04
CA PRO B 108 6.55 14.65 11.74
C PRO B 108 7.64 13.60 11.88
N VAL B 109 7.73 12.74 10.88
CA VAL B 109 8.77 11.72 10.86
C VAL B 109 9.97 12.25 10.08
N ALA B 110 11.17 11.91 10.55
CA ALA B 110 12.39 12.30 9.86
C ALA B 110 12.65 11.33 8.72
N PHE B 111 12.86 11.89 7.53
CA PHE B 111 13.20 11.04 6.39
C PHE B 111 14.63 10.53 6.53
N SER B 112 14.91 9.43 5.85
CA SER B 112 16.21 8.76 5.89
C SER B 112 16.36 7.93 4.62
N ASP B 113 17.43 7.14 4.53
CA ASP B 113 17.58 6.24 3.39
C ASP B 113 16.44 5.22 3.32
N TYR B 114 15.77 4.96 4.45
CA TYR B 114 14.76 3.92 4.57
C TYR B 114 13.34 4.45 4.67
N ILE B 115 13.18 5.78 4.78
CA ILE B 115 11.92 6.43 5.10
C ILE B 115 11.78 7.60 4.14
N HIS B 116 10.82 7.52 3.22
CA HIS B 116 10.68 8.56 2.19
C HIS B 116 9.29 8.47 1.59
N PRO B 117 8.63 9.59 1.30
CA PRO B 117 7.23 9.52 0.82
C PRO B 117 7.12 9.21 -0.67
N VAL B 118 5.98 8.59 -1.00
CA VAL B 118 5.60 8.31 -2.38
C VAL B 118 4.75 9.47 -2.89
N CYS B 119 4.74 9.67 -4.22
CA CYS B 119 3.88 10.69 -4.80
C CYS B 119 2.47 10.13 -5.03
N LEU B 120 1.49 11.03 -5.06
CA LEU B 120 0.15 10.66 -5.48
C LEU B 120 -0.08 11.22 -6.89
N PRO B 121 -0.76 10.48 -7.76
CA PRO B 121 -0.77 10.84 -9.18
C PRO B 121 -1.76 11.94 -9.55
N ASP B 122 -1.29 12.86 -10.40
CA ASP B 122 -2.16 13.81 -11.05
C ASP B 122 -3.03 13.11 -12.10
N ARG B 123 -4.02 13.85 -12.62
CA ARG B 123 -4.95 13.27 -13.58
C ARG B 123 -4.22 12.68 -14.78
N GLU B 124 -3.21 13.39 -15.29
CA GLU B 124 -2.55 12.97 -16.52
C GLU B 124 -1.67 11.75 -16.30
N THR B 125 -0.94 11.70 -15.18
CA THR B 125 -0.15 10.51 -14.89
C THR B 125 -1.06 9.30 -14.70
N ALA B 126 -2.18 9.49 -14.01
CA ALA B 126 -3.12 8.39 -13.83
C ALA B 126 -3.68 7.92 -15.17
N ALA B 127 -4.07 8.86 -16.03
CA ALA B 127 -4.63 8.47 -17.32
C ALA B 127 -3.61 7.73 -18.16
N SER B 128 -2.35 8.16 -18.11
CA SER B 128 -1.33 7.53 -18.94
C SER B 128 -1.01 6.12 -18.47
N LEU B 129 -0.96 5.91 -17.17
CA LEU B 129 -0.41 4.67 -16.65
C LEU B 129 -1.45 3.64 -16.23
N LEU B 130 -2.68 4.05 -15.89
CA LEU B 130 -3.71 3.10 -15.44
C LEU B 130 -4.39 2.49 -16.67
N GLN B 131 -3.66 1.64 -17.36
CA GLN B 131 -4.09 1.01 -18.58
C GLN B 131 -3.88 -0.49 -18.47
N ALA B 132 -4.81 -1.26 -19.04
CA ALA B 132 -4.69 -2.71 -19.00
C ALA B 132 -3.35 -3.15 -19.59
N GLY B 133 -2.68 -4.07 -18.89
CA GLY B 133 -1.39 -4.56 -19.29
C GLY B 133 -0.23 -3.85 -18.63
N TYR B 134 -0.40 -2.59 -18.24
CA TYR B 134 0.65 -1.87 -17.56
C TYR B 134 0.80 -2.43 -16.16
N LYS B 135 2.05 -2.62 -15.72
CA LYS B 135 2.32 -3.25 -14.44
C LYS B 135 2.59 -2.24 -13.34
N GLY B 136 2.09 -2.57 -12.15
CA GLY B 136 2.46 -1.90 -10.93
C GLY B 136 3.06 -2.89 -9.96
N ARG B 137 3.37 -2.39 -8.78
CA ARG B 137 4.11 -3.15 -7.79
C ARG B 137 3.38 -3.08 -6.45
N VAL B 138 3.18 -4.23 -5.83
CA VAL B 138 2.51 -4.34 -4.54
C VAL B 138 3.50 -4.90 -3.54
N THR B 139 3.45 -4.36 -2.32
CA THR B 139 4.37 -4.75 -1.27
C THR B 139 3.63 -4.97 0.03
N GLY B 140 4.15 -5.88 0.85
CA GLY B 140 3.52 -6.10 2.14
C GLY B 140 4.13 -7.26 2.90
N TRP B 141 3.68 -7.38 4.15
CA TRP B 141 4.11 -8.44 5.06
C TRP B 141 3.01 -9.47 5.30
N GLY B 142 2.00 -9.49 4.44
CA GLY B 142 0.89 -10.40 4.62
C GLY B 142 1.26 -11.83 4.26
N ASN B 143 0.24 -12.68 4.30
CA ASN B 143 0.43 -14.10 4.15
C ASN B 143 1.05 -14.45 2.80
N LEU B 144 1.88 -15.50 2.83
CA LEU B 144 2.52 -16.03 1.64
C LEU B 144 1.64 -16.98 0.86
N LYS B 145 0.54 -17.46 1.45
CA LYS B 145 -0.37 -18.38 0.81
C LYS B 145 -1.76 -18.14 1.37
N GLU B 146 -2.78 -18.48 0.57
CA GLU B 146 -4.15 -18.32 1.03
C GLU B 146 -4.40 -19.12 2.30
N THR B 147 -3.97 -20.37 2.30
CA THR B 147 -4.12 -21.26 3.45
C THR B 147 -2.76 -21.85 3.77
N GLY B 155 4.20 -19.68 5.57
CA GLY B 155 3.00 -19.00 6.03
C GLY B 155 3.12 -17.49 6.03
N GLN B 156 3.98 -16.96 6.89
CA GLN B 156 4.20 -15.52 6.99
C GLN B 156 5.67 -15.19 6.75
N PRO B 157 5.97 -14.03 6.17
CA PRO B 157 7.33 -13.77 5.71
C PRO B 157 8.27 -13.21 6.77
N SER B 158 9.56 -13.53 6.59
CA SER B 158 10.59 -12.91 7.42
C SER B 158 10.76 -11.43 7.10
N VAL B 159 10.69 -11.04 5.81
CA VAL B 159 10.92 -9.67 5.39
C VAL B 159 9.86 -9.25 4.38
N LEU B 160 9.79 -7.95 4.16
CA LEU B 160 8.85 -7.35 3.23
C LEU B 160 8.92 -8.05 1.87
N GLN B 161 7.75 -8.36 1.32
CA GLN B 161 7.60 -9.01 0.03
C GLN B 161 7.13 -8.03 -1.03
N VAL B 162 7.48 -8.34 -2.29
N VAL B 162 7.49 -8.36 -2.28
CA VAL B 162 7.20 -7.48 -3.43
CA VAL B 162 7.22 -7.53 -3.45
C VAL B 162 6.78 -8.34 -4.62
C VAL B 162 6.68 -8.42 -4.55
N VAL B 163 5.76 -7.89 -5.35
CA VAL B 163 5.32 -8.55 -6.58
C VAL B 163 4.87 -7.48 -7.57
N ASN B 164 5.22 -7.68 -8.84
CA ASN B 164 4.79 -6.80 -9.92
C ASN B 164 3.63 -7.49 -10.64
N LEU B 165 2.56 -6.74 -10.91
CA LEU B 165 1.33 -7.31 -11.46
C LEU B 165 0.73 -6.39 -12.50
N PRO B 166 0.17 -6.95 -13.58
CA PRO B 166 -0.47 -6.11 -14.61
C PRO B 166 -1.89 -5.70 -14.24
N ILE B 167 -2.22 -4.45 -14.58
CA ILE B 167 -3.61 -3.99 -14.50
C ILE B 167 -4.43 -4.78 -15.51
N VAL B 168 -5.67 -5.11 -15.14
CA VAL B 168 -6.55 -5.95 -15.93
C VAL B 168 -7.69 -5.12 -16.50
N GLU B 169 -8.14 -5.50 -17.69
CA GLU B 169 -9.27 -4.84 -18.35
C GLU B 169 -10.50 -4.88 -17.45
N ARG B 170 -11.21 -3.77 -17.39
CA ARG B 170 -12.38 -3.69 -16.50
C ARG B 170 -13.42 -4.78 -16.77
N PRO B 171 -13.76 -5.15 -18.00
CA PRO B 171 -14.74 -6.24 -18.16
C PRO B 171 -14.27 -7.55 -17.58
N VAL B 172 -12.97 -7.84 -17.66
CA VAL B 172 -12.43 -9.07 -17.08
C VAL B 172 -12.52 -9.01 -15.56
N CYS B 173 -12.18 -7.87 -14.96
CA CYS B 173 -12.37 -7.70 -13.54
C CYS B 173 -13.82 -8.00 -13.15
N LYS B 174 -14.77 -7.36 -13.84
CA LYS B 174 -16.19 -7.53 -13.52
C LYS B 174 -16.64 -8.97 -13.66
N ASP B 175 -16.18 -9.65 -14.71
CA ASP B 175 -16.60 -11.01 -15.02
C ASP B 175 -15.95 -12.06 -14.12
N SER B 176 -15.01 -11.67 -13.27
CA SER B 176 -14.31 -12.59 -12.40
C SER B 176 -15.00 -12.78 -11.06
N THR B 177 -16.05 -12.01 -10.77
CA THR B 177 -16.59 -11.93 -9.43
C THR B 177 -18.09 -11.63 -9.49
N ARG B 178 -18.80 -11.98 -8.43
CA ARG B 178 -20.19 -11.57 -8.25
C ARG B 178 -20.32 -10.27 -7.47
N ILE B 179 -19.24 -9.80 -6.85
CA ILE B 179 -19.26 -8.53 -6.12
C ILE B 179 -19.39 -7.38 -7.13
N ARG B 180 -20.14 -6.35 -6.76
CA ARG B 180 -20.33 -5.20 -7.62
C ARG B 180 -19.09 -4.31 -7.61
N ILE B 181 -18.47 -4.16 -8.77
N ILE B 181 -18.48 -4.11 -8.76
CA ILE B 181 -17.31 -3.29 -8.91
CA ILE B 181 -17.28 -3.29 -8.84
C ILE B 181 -17.78 -1.85 -9.13
C ILE B 181 -17.63 -1.89 -9.31
N THR B 182 -16.90 -0.91 -8.82
CA THR B 182 -17.17 0.51 -9.08
C THR B 182 -15.95 1.16 -9.71
N ASP B 183 -16.18 2.39 -10.21
CA ASP B 183 -15.09 3.19 -10.77
C ASP B 183 -14.04 3.58 -9.74
N ASN B 184 -14.32 3.39 -8.46
CA ASN B 184 -13.34 3.67 -7.41
C ASN B 184 -12.42 2.49 -7.12
N MET B 185 -12.45 1.47 -7.97
CA MET B 185 -11.63 0.28 -7.85
C MET B 185 -11.00 -0.01 -9.20
N PHE B 186 -9.84 -0.68 -9.15
CA PHE B 186 -9.31 -1.36 -10.32
C PHE B 186 -8.81 -2.72 -9.89
N CYS B 187 -8.59 -3.63 -10.84
CA CYS B 187 -8.05 -4.94 -10.47
C CYS B 187 -6.76 -5.21 -11.22
N ALA B 188 -5.96 -6.12 -10.66
CA ALA B 188 -4.66 -6.45 -11.20
C ALA B 188 -4.33 -7.90 -10.91
N GLY B 189 -3.49 -8.47 -11.76
CA GLY B 189 -3.05 -9.85 -11.64
C GLY B 189 -2.93 -10.50 -13.00
N TYR B 190 -2.29 -11.66 -13.04
CA TYR B 190 -2.14 -12.39 -14.27
C TYR B 190 -3.37 -13.26 -14.54
N LYS B 191 -3.64 -13.49 -15.81
CA LYS B 191 -4.69 -14.39 -16.21
C LYS B 191 -4.19 -15.83 -16.18
N PRO B 192 -5.08 -16.81 -16.10
CA PRO B 192 -4.62 -18.21 -16.09
C PRO B 192 -3.71 -18.55 -17.26
N ASP B 193 -3.99 -18.03 -18.46
CA ASP B 193 -3.19 -18.37 -19.64
C ASP B 193 -1.85 -17.62 -19.70
N GLU B 194 -1.59 -16.69 -18.79
CA GLU B 194 -0.36 -15.92 -18.81
C GLU B 194 0.79 -16.61 -18.08
N GLY B 195 0.54 -17.71 -17.36
CA GLY B 195 1.60 -18.44 -16.72
C GLY B 195 2.04 -17.89 -15.37
N LYS B 196 2.54 -16.67 -15.36
CA LYS B 196 3.03 -16.04 -14.15
C LYS B 196 1.90 -15.88 -13.13
N ARG B 197 2.29 -15.68 -11.87
CA ARG B 197 1.35 -15.66 -10.77
C ARG B 197 1.70 -14.51 -9.84
N GLY B 198 0.93 -14.38 -8.76
CA GLY B 198 1.19 -13.38 -7.75
C GLY B 198 -0.07 -12.64 -7.35
N ASP B 199 -0.14 -12.22 -6.08
CA ASP B 199 -1.31 -11.55 -5.56
C ASP B 199 -0.98 -10.99 -4.19
N ALA B 200 -1.77 -10.02 -3.76
CA ALA B 200 -1.86 -9.66 -2.36
C ALA B 200 -2.62 -10.73 -1.58
N CYS B 201 -2.56 -10.65 -0.26
CA CYS B 201 -3.28 -11.58 0.59
C CYS B 201 -3.55 -10.93 1.95
N GLU B 202 -4.22 -11.67 2.83
CA GLU B 202 -4.48 -11.20 4.19
C GLU B 202 -3.21 -10.64 4.80
N GLY B 203 -3.32 -9.44 5.39
CA GLY B 203 -2.20 -8.73 5.98
C GLY B 203 -1.58 -7.70 5.07
N ASP B 204 -1.78 -7.81 3.76
CA ASP B 204 -1.29 -6.81 2.82
C ASP B 204 -2.24 -5.64 2.66
N SER B 205 -3.48 -5.80 3.12
CA SER B 205 -4.49 -4.73 3.14
C SER B 205 -3.89 -3.40 3.48
N GLY B 206 -4.30 -2.37 2.73
CA GLY B 206 -3.91 -1.02 3.04
C GLY B 206 -2.58 -0.59 2.48
N GLY B 207 -1.76 -1.53 2.00
CA GLY B 207 -0.50 -1.20 1.40
C GLY B 207 -0.64 -0.67 -0.01
N PRO B 208 0.45 -0.19 -0.58
CA PRO B 208 0.40 0.52 -1.85
C PRO B 208 0.60 -0.35 -3.07
N PHE B 209 -0.10 0.04 -4.16
CA PHE B 209 0.15 -0.40 -5.54
C PHE B 209 0.78 0.80 -6.23
N VAL B 210 2.06 0.68 -6.59
CA VAL B 210 2.84 1.79 -7.11
C VAL B 210 3.27 1.53 -8.54
N MET B 211 3.53 2.62 -9.27
CA MET B 211 4.02 2.58 -10.64
C MET B 211 5.11 3.63 -10.77
N LYS B 212 6.14 3.34 -11.56
CA LYS B 212 7.23 4.28 -11.76
C LYS B 212 7.00 5.01 -13.08
N SER B 213 6.71 6.29 -13.00
CA SER B 213 6.40 7.01 -14.22
C SER B 213 7.59 7.02 -15.15
N PRO B 214 7.41 6.66 -16.43
CA PRO B 214 8.52 6.72 -17.38
C PRO B 214 8.77 8.14 -17.89
N PHE B 215 7.90 9.07 -17.53
CA PHE B 215 8.04 10.47 -17.96
C PHE B 215 8.98 11.23 -17.05
N ASN B 216 8.90 11.01 -15.73
CA ASN B 216 9.74 11.75 -14.79
C ASN B 216 10.50 10.85 -13.82
N ASN B 217 10.40 9.53 -13.95
CA ASN B 217 11.18 8.57 -13.18
C ASN B 217 10.91 8.66 -11.68
N ARG B 218 9.68 9.01 -11.31
CA ARG B 218 9.22 9.04 -9.93
C ARG B 218 8.15 7.97 -9.71
N TRP B 219 8.12 7.47 -8.49
CA TRP B 219 7.10 6.51 -8.09
C TRP B 219 5.82 7.18 -7.61
N TYR B 220 4.69 6.67 -8.10
CA TYR B 220 3.36 7.13 -7.77
C TYR B 220 2.54 5.98 -7.21
N GLN B 221 1.72 6.29 -6.21
CA GLN B 221 0.79 5.32 -5.64
C GLN B 221 -0.55 5.42 -6.35
N MET B 222 -0.86 4.43 -7.18
N MET B 222 -0.84 4.46 -7.22
CA MET B 222 -2.09 4.39 -7.94
CA MET B 222 -2.14 4.45 -7.90
C MET B 222 -3.20 3.63 -7.23
C MET B 222 -3.23 3.74 -7.12
N GLY B 223 -2.87 2.74 -6.31
CA GLY B 223 -3.87 1.91 -5.66
C GLY B 223 -3.54 1.64 -4.20
N ILE B 224 -4.56 1.16 -3.49
CA ILE B 224 -4.46 0.66 -2.12
C ILE B 224 -5.00 -0.76 -2.11
N VAL B 225 -4.25 -1.70 -1.54
CA VAL B 225 -4.71 -3.09 -1.45
C VAL B 225 -6.04 -3.12 -0.69
N SER B 226 -7.09 -3.59 -1.37
CA SER B 226 -8.45 -3.51 -0.85
C SER B 226 -9.11 -4.87 -0.62
N TRP B 227 -9.34 -5.66 -1.67
CA TRP B 227 -10.08 -6.91 -1.47
C TRP B 227 -9.76 -7.92 -2.56
N GLY B 228 -10.06 -9.17 -2.26
CA GLY B 228 -9.91 -10.26 -3.20
C GLY B 228 -10.67 -11.45 -2.65
N GLU B 229 -10.85 -12.44 -3.48
CA GLU B 229 -11.56 -13.65 -3.08
C GLU B 229 -10.53 -14.77 -3.08
N GLY B 230 -10.09 -15.14 -1.89
CA GLY B 230 -8.90 -15.97 -1.78
C GLY B 230 -7.66 -15.16 -2.12
N CYS B 231 -6.57 -15.88 -2.38
CA CYS B 231 -5.31 -15.25 -2.76
C CYS B 231 -4.67 -16.07 -3.87
N ASP B 232 -4.29 -15.38 -4.96
CA ASP B 232 -3.60 -16.00 -6.09
C ASP B 232 -4.37 -17.16 -6.70
N ARG B 233 -5.70 -17.08 -6.70
CA ARG B 233 -6.51 -18.09 -7.37
C ARG B 233 -6.57 -17.83 -8.88
N ASP B 234 -6.52 -18.91 -9.66
CA ASP B 234 -6.71 -18.78 -11.10
C ASP B 234 -8.08 -18.18 -11.40
N GLY B 235 -8.10 -17.18 -12.29
CA GLY B 235 -9.32 -16.55 -12.71
C GLY B 235 -9.86 -15.53 -11.76
N LYS B 236 -9.18 -15.27 -10.65
CA LYS B 236 -9.52 -14.21 -9.72
C LYS B 236 -8.42 -13.16 -9.80
N TYR B 237 -8.74 -11.96 -9.32
CA TYR B 237 -7.83 -10.81 -9.38
C TYR B 237 -7.92 -10.06 -8.07
N GLY B 238 -6.86 -9.35 -7.73
CA GLY B 238 -6.89 -8.48 -6.58
C GLY B 238 -7.48 -7.14 -6.95
N PHE B 239 -8.22 -6.56 -6.01
CA PHE B 239 -8.86 -5.26 -6.19
C PHE B 239 -8.23 -4.20 -5.30
N TYR B 240 -8.08 -3.02 -5.88
CA TYR B 240 -7.33 -1.90 -5.33
C TYR B 240 -8.18 -0.65 -5.37
N THR B 241 -8.14 0.13 -4.28
CA THR B 241 -8.77 1.45 -4.28
C THR B 241 -8.07 2.34 -5.28
N HIS B 242 -8.85 3.05 -6.09
CA HIS B 242 -8.35 3.91 -7.16
C HIS B 242 -8.04 5.28 -6.53
N VAL B 243 -6.77 5.52 -6.24
CA VAL B 243 -6.37 6.68 -5.45
C VAL B 243 -6.75 7.98 -6.14
N PHE B 244 -6.46 8.08 -7.44
CA PHE B 244 -6.77 9.33 -8.13
C PHE B 244 -8.26 9.66 -8.06
N ARG B 245 -9.14 8.67 -8.18
CA ARG B 245 -10.57 8.94 -8.13
C ARG B 245 -11.02 9.52 -6.80
N LEU B 246 -10.23 9.35 -5.75
CA LEU B 246 -10.56 9.85 -4.42
C LEU B 246 -9.70 11.05 -4.04
N LYS B 247 -9.06 11.68 -5.03
CA LYS B 247 -8.19 12.84 -4.80
C LYS B 247 -8.91 13.97 -4.07
N LYS B 248 -10.14 14.28 -4.45
CA LYS B 248 -10.80 15.45 -3.89
C LYS B 248 -10.97 15.30 -2.38
N TRP B 249 -11.29 14.07 -1.93
CA TRP B 249 -11.44 13.83 -0.50
C TRP B 249 -10.08 13.90 0.21
N ILE B 250 -9.06 13.28 -0.37
CA ILE B 250 -7.72 13.34 0.23
C ILE B 250 -7.30 14.79 0.44
N GLN B 251 -7.45 15.61 -0.60
CA GLN B 251 -7.01 16.99 -0.52
C GLN B 251 -7.84 17.78 0.48
N LYS B 252 -9.15 17.51 0.55
CA LYS B 252 -10.01 18.20 1.50
C LYS B 252 -9.56 17.92 2.94
N VAL B 253 -9.25 16.66 3.24
CA VAL B 253 -8.84 16.30 4.59
C VAL B 253 -7.52 16.96 4.93
N ILE B 254 -6.54 16.86 4.05
CA ILE B 254 -5.22 17.39 4.37
C ILE B 254 -5.23 18.92 4.40
N ASP B 255 -5.98 19.55 3.49
CA ASP B 255 -6.05 21.00 3.49
C ASP B 255 -6.73 21.53 4.75
N GLN B 256 -7.69 20.78 5.30
CA GLN B 256 -8.48 21.25 6.44
C GLN B 256 -7.80 20.96 7.77
N PHE B 257 -7.11 19.83 7.87
CA PHE B 257 -6.59 19.39 9.18
C PHE B 257 -5.08 19.38 9.26
N GLY B 258 -4.41 19.87 8.22
CA GLY B 258 -2.96 19.92 8.20
N ASP C 1 4.88 -13.32 18.59
CA ASP C 1 5.71 -13.61 17.43
C ASP C 1 6.56 -12.40 17.03
N PHE C 2 6.20 -11.23 17.55
CA PHE C 2 6.92 -9.99 17.27
C PHE C 2 7.85 -9.65 18.43
N GLU C 3 9.04 -9.15 18.08
CA GLU C 3 9.95 -8.64 19.08
C GLU C 3 9.34 -7.44 19.80
N GLU C 4 9.54 -7.38 21.12
CA GLU C 4 9.02 -6.27 21.90
C GLU C 4 9.60 -4.96 21.39
N ILE C 5 8.76 -3.93 21.33
CA ILE C 5 9.21 -2.60 20.95
C ILE C 5 9.48 -1.79 22.23
N PRO C 6 10.33 -0.76 22.16
CA PRO C 6 10.61 0.04 23.36
C PRO C 6 9.34 0.53 24.04
N GLU C 7 9.38 0.61 25.37
CA GLU C 7 8.21 1.01 26.15
C GLU C 7 7.82 2.46 25.86
N GLU C 8 8.76 3.29 25.46
CA GLU C 8 8.49 4.69 25.14
C GLU C 8 7.32 4.85 24.15
N TYS C 9 7.09 3.83 23.32
CA TYS C 9 6.05 3.93 22.31
CB TYS C 9 6.50 3.29 20.99
CG TYS C 9 7.81 3.71 20.46
CD1 TYS C 9 7.96 4.97 19.95
CD2 TYS C 9 8.90 2.80 20.51
CE1 TYS C 9 9.24 5.35 19.44
CE2 TYS C 9 10.15 3.18 20.00
CZ TYS C 9 10.31 4.45 19.48
OH TYS C 9 11.57 4.84 18.97
S TYS C 9 11.87 4.70 17.52
O1 TYS C 9 11.70 3.34 17.04
O2 TYS C 9 13.23 5.09 17.39
O3 TYS C 9 10.99 5.67 16.73
C TYS C 9 4.72 3.37 22.71
O TYS C 9 3.74 3.47 21.95
N LEU C 10 4.64 2.77 23.90
CA LEU C 10 3.40 2.18 24.38
C LEU C 10 2.83 3.00 25.54
C1 NAG D . -16.78 3.20 15.50
C2 NAG D . -18.29 3.32 15.69
C3 NAG D . -18.71 4.73 15.76
C4 NAG D . -18.02 5.41 16.82
C5 NAG D . -16.53 5.30 16.73
C6 NAG D . -15.90 5.67 17.97
C7 NAG D . -19.10 2.86 13.24
C8 NAG D . -18.45 4.05 12.61
N2 NAG D . -19.00 2.53 14.69
O3 NAG D . -20.12 4.81 15.97
O4 NAG D . -18.38 6.80 16.81
O5 NAG D . -16.08 3.89 16.49
O6 NAG D . -15.76 4.66 18.92
O7 NAG D . -19.73 2.10 12.53
H1 NAG D . -18.26 3.86 11.68
H1 NAG D . -16.54 3.55 14.61
H2 NAG D . -18.57 2.86 16.53
H3 NAG D . -18.55 5.20 14.88
H4 NAG D . -18.31 5.07 17.68
H5 NAG D . -16.26 5.90 16.04
H61 NAG D . -15.00 6.03 17.77
H62 NAG D . -16.43 6.39 18.37
H82 NAG D . -17.64 4.25 13.08
H83 NAG D . -19.06 4.81 12.68
HN2 NAG D . -19.41 1.79 14.96
HO3 NAG D . -20.27 4.95 16.85
HO4 NAG D . -18.77 7.00 17.58
HO6 NAG D . -15.47 5.00 19.67
N MD8 E . -12.44 -8.64 2.34
C MD8 E . -16.77 -6.63 0.59
O MD8 E . -11.46 -9.29 0.45
C1 MD8 E . -15.82 -6.60 -0.40
C10 MD8 E . -13.24 -7.28 4.07
C11 MD8 E . -11.75 -7.06 3.96
C12 MD8 E . -11.37 -7.65 2.59
C13 MD8 E . -10.03 -8.35 2.68
C14 MD8 E . -7.65 -8.32 2.03
C15 MD8 E . -7.16 -8.61 0.64
C16 MD8 E . -6.95 -7.57 -0.27
C17 MD8 E . -6.58 -7.81 -1.57
C18 MD8 E . -6.37 -9.12 -2.00
C19 MD8 E . -6.54 -10.17 -1.11
C2 MD8 E . -15.04 -7.72 -0.67
C20 MD8 E . -6.94 -9.91 0.20
C3 MD8 E . -15.21 -8.88 0.06
C4 MD8 E . -16.17 -8.90 1.07
C5 MD8 E . -16.95 -7.79 1.33
C6 MD8 E . -14.33 -10.08 -0.20
C7 MD8 E . -13.46 -10.50 1.01
C8 MD8 E . -12.37 -9.42 1.25
C9 MD8 E . -13.47 -8.62 3.40
N1 MD8 E . -8.99 -7.75 2.07
N2 MD8 E . -12.76 -11.76 0.70
O1 MD8 E . -9.93 -9.43 3.27
O2 MD8 E . -6.00 -9.32 -3.31
N MD8 F . -0.20 16.71 -0.23
C MD8 F . 4.20 15.73 -0.25
O MD8 F . -0.60 18.22 -1.83
C1 MD8 F . 3.47 16.05 -1.37
C10 MD8 F . 0.50 14.77 0.85
C11 MD8 F . -0.56 14.37 -0.15
C12 MD8 F . -0.72 15.61 -1.06
C13 MD8 F . -2.16 15.81 -1.48
C14 MD8 F . -3.81 15.33 -3.22
C15 MD8 F . -3.98 14.26 -4.26
C16 MD8 F . -4.59 13.06 -3.94
C17 MD8 F . -4.65 12.03 -4.86
C18 MD8 F . -4.09 12.19 -6.12
C19 MD8 F . -3.51 13.40 -6.46
C2 MD8 F . 2.72 17.22 -1.40
C20 MD8 F . -3.45 14.42 -5.53
C3 MD8 F . 2.68 18.06 -0.30
C4 MD8 F . 3.42 17.73 0.81
C5 MD8 F . 4.18 16.57 0.84
C6 MD8 F . 1.81 19.31 -0.32
C7 MD8 F . 0.37 19.08 0.17
C8 MD8 F . -0.18 17.95 -0.70
C9 MD8 F . 0.27 16.23 1.08
N1 MD8 F . -2.47 15.32 -2.68
N2 MD8 F . -0.44 20.30 -0.03
O1 MD8 F . -2.99 16.37 -0.74
O2 MD8 F . -4.10 11.12 -6.99
P PO4 G . -22.29 3.10 -2.99
O1 PO4 G . -21.85 3.77 -1.69
O2 PO4 G . -23.61 2.39 -2.78
O3 PO4 G . -22.37 4.16 -4.05
O4 PO4 G . -21.18 2.11 -3.27
NA NA H . -19.57 -10.33 -12.43
NA NA I . -5.42 -14.82 -9.85
#